data_2M6O
#
_entry.id   2M6O
#
_entity_poly.entity_id   1
_entity_poly.type   'polypeptide(L)'
_entity_poly.pdbx_seq_one_letter_code
;QAVEYACEKGHRFEMPFSVEAEIPPEWECKVCGAQALLVDGDGPEEKK
;
_entity_poly.pdbx_strand_id   A
#
# COMPACT_ATOMS: atom_id res chain seq x y z
N GLN A 1 4.98 6.74 -9.13
CA GLN A 1 5.65 5.59 -8.50
C GLN A 1 5.46 5.63 -6.98
N ALA A 2 4.25 5.31 -6.53
CA ALA A 2 3.96 5.23 -5.11
C ALA A 2 3.02 4.06 -4.84
N VAL A 3 3.25 3.35 -3.74
CA VAL A 3 2.41 2.21 -3.39
C VAL A 3 1.14 2.71 -2.69
N GLU A 4 0.05 2.00 -2.89
CA GLU A 4 -1.24 2.42 -2.35
C GLU A 4 -1.81 1.37 -1.42
N TYR A 5 -2.05 1.78 -0.18
CA TYR A 5 -2.61 0.89 0.82
C TYR A 5 -4.01 1.36 1.20
N ALA A 6 -4.91 0.40 1.40
CA ALA A 6 -6.27 0.71 1.79
C ALA A 6 -6.62 0.02 3.10
N CYS A 7 -6.95 0.81 4.11
CA CYS A 7 -7.27 0.27 5.42
C CYS A 7 -8.73 -0.13 5.49
N GLU A 8 -9.06 -0.98 6.46
CA GLU A 8 -10.44 -1.42 6.66
C GLU A 8 -11.28 -0.30 7.28
N LYS A 9 -10.63 0.85 7.52
CA LYS A 9 -11.34 2.06 7.92
C LYS A 9 -12.02 2.66 6.71
N GLY A 10 -11.52 2.30 5.54
CA GLY A 10 -12.09 2.79 4.29
C GLY A 10 -11.23 3.85 3.65
N HIS A 11 -10.07 4.11 4.24
CA HIS A 11 -9.19 5.16 3.72
C HIS A 11 -8.02 4.55 2.95
N ARG A 12 -7.61 5.22 1.88
CA ARG A 12 -6.45 4.79 1.12
C ARG A 12 -5.34 5.80 1.25
N PHE A 13 -4.11 5.32 1.28
CA PHE A 13 -2.95 6.19 1.42
C PHE A 13 -1.78 5.66 0.63
N GLU A 14 -0.89 6.55 0.22
CA GLU A 14 0.27 6.17 -0.56
C GLU A 14 1.54 6.34 0.25
N MET A 15 2.48 5.44 0.06
CA MET A 15 3.75 5.49 0.78
C MET A 15 4.89 5.18 -0.18
N PRO A 16 6.09 5.71 0.08
CA PRO A 16 7.26 5.49 -0.77
C PRO A 16 7.91 4.13 -0.51
N PHE A 17 8.01 3.33 -1.55
CA PHE A 17 8.71 2.05 -1.50
C PHE A 17 9.69 1.97 -2.65
N SER A 18 10.33 0.83 -2.79
CA SER A 18 11.17 0.59 -3.94
C SER A 18 10.31 0.07 -5.08
N VAL A 19 10.56 0.56 -6.28
CA VAL A 19 9.76 0.22 -7.43
C VAL A 19 10.18 -1.14 -8.00
N GLU A 20 11.25 -1.69 -7.44
CA GLU A 20 11.74 -2.99 -7.84
C GLU A 20 11.57 -4.00 -6.70
N ALA A 21 10.78 -3.62 -5.71
CA ALA A 21 10.56 -4.46 -4.55
C ALA A 21 9.25 -5.23 -4.68
N GLU A 22 9.14 -6.30 -3.91
CA GLU A 22 7.90 -7.05 -3.84
C GLU A 22 7.02 -6.44 -2.75
N ILE A 23 6.17 -5.50 -3.16
CA ILE A 23 5.38 -4.72 -2.23
C ILE A 23 4.50 -5.61 -1.35
N PRO A 24 4.68 -5.54 -0.02
CA PRO A 24 3.92 -6.34 0.95
C PRO A 24 2.42 -6.20 0.74
N PRO A 25 1.69 -7.34 0.66
CA PRO A 25 0.24 -7.36 0.37
C PRO A 25 -0.58 -6.71 1.48
N GLU A 26 0.01 -6.54 2.65
CA GLU A 26 -0.64 -5.85 3.75
C GLU A 26 0.38 -5.07 4.57
N TRP A 27 -0.07 -3.97 5.14
CA TRP A 27 0.79 -3.11 5.94
C TRP A 27 -0.05 -2.50 7.06
N GLU A 28 0.58 -2.03 8.12
CA GLU A 28 -0.13 -1.36 9.20
C GLU A 28 -0.68 -0.01 8.70
N CYS A 29 -1.87 0.34 9.16
CA CYS A 29 -2.50 1.59 8.77
C CYS A 29 -1.89 2.75 9.53
N LYS A 30 -1.13 3.58 8.82
CA LYS A 30 -0.52 4.77 9.42
C LYS A 30 -1.55 5.88 9.62
N VAL A 31 -2.71 5.73 8.99
CA VAL A 31 -3.70 6.80 8.98
C VAL A 31 -4.52 6.85 10.26
N CYS A 32 -5.22 5.77 10.57
CA CYS A 32 -6.14 5.79 11.68
C CYS A 32 -5.87 4.67 12.69
N GLY A 33 -5.58 3.48 12.19
CA GLY A 33 -5.36 2.36 13.08
C GLY A 33 -6.08 1.11 12.62
N ALA A 34 -5.37 0.29 11.87
CA ALA A 34 -5.92 -0.94 11.30
C ALA A 34 -4.86 -1.66 10.51
N GLN A 35 -5.24 -2.77 9.89
CA GLN A 35 -4.39 -3.42 8.92
C GLN A 35 -4.83 -3.00 7.53
N ALA A 36 -3.92 -2.43 6.77
CA ALA A 36 -4.24 -1.91 5.46
C ALA A 36 -3.77 -2.87 4.37
N LEU A 37 -4.66 -3.20 3.46
CA LEU A 37 -4.34 -4.08 2.36
C LEU A 37 -3.71 -3.28 1.23
N LEU A 38 -2.66 -3.84 0.66
CA LEU A 38 -1.96 -3.21 -0.44
C LEU A 38 -2.74 -3.44 -1.72
N VAL A 39 -2.95 -2.39 -2.49
CA VAL A 39 -3.68 -2.50 -3.73
C VAL A 39 -2.75 -2.30 -4.92
N ASP A 40 -3.03 -3.03 -6.01
CA ASP A 40 -2.29 -2.89 -7.27
C ASP A 40 -0.82 -3.32 -7.12
N GLY A 41 -0.58 -4.28 -6.23
CA GLY A 41 0.77 -4.73 -5.97
C GLY A 41 1.24 -5.77 -6.97
N ASP A 42 1.30 -5.38 -8.23
CA ASP A 42 1.77 -6.25 -9.29
C ASP A 42 3.29 -6.43 -9.20
N GLY A 43 3.93 -5.45 -8.59
CA GLY A 43 5.37 -5.47 -8.44
C GLY A 43 5.89 -4.07 -8.25
N PRO A 44 6.01 -3.29 -9.33
CA PRO A 44 6.35 -1.86 -9.24
C PRO A 44 5.27 -1.10 -8.48
N GLU A 45 5.69 -0.08 -7.74
CA GLU A 45 4.79 0.67 -6.85
C GLU A 45 3.49 1.05 -7.51
N GLU A 46 3.58 1.82 -8.58
CA GLU A 46 2.40 2.34 -9.24
C GLU A 46 2.18 1.61 -10.55
N LYS A 47 2.49 0.32 -10.55
CA LYS A 47 2.27 -0.51 -11.72
C LYS A 47 0.80 -0.49 -12.11
N LYS A 48 -0.04 -0.88 -11.15
CA LYS A 48 -1.49 -0.91 -11.35
C LYS A 48 -1.87 -1.60 -12.65
N GLN A 1 4.77 6.70 -9.40
CA GLN A 1 5.46 5.56 -8.74
C GLN A 1 5.26 5.62 -7.23
N ALA A 2 4.08 5.22 -6.78
CA ALA A 2 3.79 5.14 -5.37
C ALA A 2 2.91 3.93 -5.09
N VAL A 3 3.14 3.26 -3.97
CA VAL A 3 2.30 2.13 -3.59
C VAL A 3 1.10 2.66 -2.78
N GLU A 4 -0.04 2.04 -2.96
CA GLU A 4 -1.25 2.49 -2.29
C GLU A 4 -1.80 1.39 -1.39
N TYR A 5 -2.04 1.75 -0.13
CA TYR A 5 -2.60 0.84 0.83
C TYR A 5 -3.99 1.30 1.25
N ALA A 6 -4.91 0.36 1.38
CA ALA A 6 -6.27 0.67 1.81
C ALA A 6 -6.58 0.01 3.14
N CYS A 7 -6.90 0.81 4.15
CA CYS A 7 -7.08 0.29 5.50
C CYS A 7 -8.47 -0.32 5.69
N GLU A 8 -8.67 -0.97 6.84
CA GLU A 8 -9.95 -1.54 7.19
C GLU A 8 -11.01 -0.46 7.36
N LYS A 9 -10.56 0.77 7.60
CA LYS A 9 -11.47 1.90 7.81
C LYS A 9 -11.86 2.54 6.49
N GLY A 10 -11.34 1.98 5.40
CA GLY A 10 -11.70 2.45 4.08
C GLY A 10 -10.95 3.71 3.70
N HIS A 11 -9.73 3.85 4.20
CA HIS A 11 -8.90 4.97 3.84
C HIS A 11 -7.70 4.48 3.04
N ARG A 12 -7.47 5.06 1.87
CA ARG A 12 -6.32 4.70 1.07
C ARG A 12 -5.22 5.73 1.26
N PHE A 13 -3.99 5.26 1.31
CA PHE A 13 -2.85 6.13 1.49
C PHE A 13 -1.67 5.64 0.66
N GLU A 14 -0.79 6.55 0.29
CA GLU A 14 0.34 6.23 -0.54
C GLU A 14 1.59 6.09 0.31
N MET A 15 2.35 5.06 0.04
CA MET A 15 3.53 4.75 0.83
C MET A 15 4.76 4.64 -0.06
N PRO A 16 5.93 5.02 0.46
CA PRO A 16 7.16 4.97 -0.31
C PRO A 16 7.80 3.59 -0.31
N PHE A 17 8.00 3.05 -1.50
CA PHE A 17 8.69 1.78 -1.69
C PHE A 17 9.52 1.85 -2.95
N SER A 18 10.17 0.75 -3.28
CA SER A 18 10.91 0.66 -4.52
C SER A 18 10.02 0.05 -5.59
N VAL A 19 10.18 0.54 -6.81
CA VAL A 19 9.38 0.09 -7.93
C VAL A 19 9.90 -1.25 -8.47
N GLU A 20 10.98 -1.74 -7.86
CA GLU A 20 11.54 -3.03 -8.21
C GLU A 20 11.70 -3.91 -6.97
N ALA A 21 10.95 -3.59 -5.93
CA ALA A 21 10.99 -4.35 -4.68
C ALA A 21 9.69 -5.13 -4.50
N GLU A 22 9.65 -5.99 -3.51
CA GLU A 22 8.42 -6.67 -3.16
C GLU A 22 7.50 -5.71 -2.42
N ILE A 23 6.35 -5.43 -3.01
CA ILE A 23 5.38 -4.58 -2.37
C ILE A 23 4.45 -5.42 -1.50
N PRO A 24 4.63 -5.35 -0.17
CA PRO A 24 3.87 -6.17 0.79
C PRO A 24 2.37 -6.09 0.57
N PRO A 25 1.72 -7.26 0.39
CA PRO A 25 0.26 -7.35 0.16
C PRO A 25 -0.57 -6.68 1.26
N GLU A 26 0.03 -6.45 2.42
CA GLU A 26 -0.65 -5.77 3.50
C GLU A 26 0.35 -4.96 4.33
N TRP A 27 -0.14 -3.91 4.95
CA TRP A 27 0.69 -3.02 5.75
C TRP A 27 -0.15 -2.44 6.88
N GLU A 28 0.49 -1.94 7.93
CA GLU A 28 -0.25 -1.34 9.03
C GLU A 28 -0.76 0.05 8.64
N CYS A 29 -1.95 0.39 9.12
CA CYS A 29 -2.58 1.65 8.77
C CYS A 29 -2.06 2.76 9.67
N LYS A 30 -1.11 3.50 9.15
CA LYS A 30 -0.56 4.65 9.84
C LYS A 30 -1.50 5.85 9.77
N VAL A 31 -2.72 5.64 9.30
CA VAL A 31 -3.67 6.74 9.14
C VAL A 31 -4.64 6.79 10.32
N CYS A 32 -5.40 5.72 10.51
CA CYS A 32 -6.44 5.72 11.52
C CYS A 32 -6.06 4.82 12.71
N GLY A 33 -5.57 3.62 12.40
CA GLY A 33 -5.17 2.72 13.45
C GLY A 33 -5.69 1.31 13.22
N ALA A 34 -5.37 0.75 12.07
CA ALA A 34 -5.89 -0.55 11.69
C ALA A 34 -4.87 -1.26 10.80
N GLN A 35 -5.29 -2.34 10.15
CA GLN A 35 -4.45 -2.97 9.14
C GLN A 35 -4.93 -2.54 7.76
N ALA A 36 -4.00 -2.45 6.82
CA ALA A 36 -4.33 -2.03 5.47
C ALA A 36 -3.89 -3.06 4.45
N LEU A 37 -4.64 -3.16 3.36
CA LEU A 37 -4.30 -4.07 2.28
C LEU A 37 -3.72 -3.30 1.11
N LEU A 38 -2.67 -3.84 0.54
CA LEU A 38 -2.01 -3.24 -0.59
C LEU A 38 -2.86 -3.41 -1.85
N VAL A 39 -3.05 -2.32 -2.58
CA VAL A 39 -3.84 -2.37 -3.79
C VAL A 39 -2.97 -2.16 -5.03
N ASP A 40 -2.80 -3.23 -5.81
CA ASP A 40 -2.09 -3.20 -7.10
C ASP A 40 -0.61 -2.84 -6.94
N GLY A 41 0.21 -3.83 -6.63
CA GLY A 41 1.63 -3.60 -6.45
C GLY A 41 2.45 -4.82 -6.79
N ASP A 42 2.73 -5.63 -5.76
CA ASP A 42 3.57 -6.83 -5.88
C ASP A 42 5.04 -6.48 -6.14
N GLY A 43 5.29 -5.80 -7.25
CA GLY A 43 6.64 -5.39 -7.58
C GLY A 43 6.72 -3.91 -7.92
N PRO A 44 6.20 -3.52 -9.08
CA PRO A 44 6.13 -2.11 -9.46
C PRO A 44 5.03 -1.39 -8.70
N GLU A 45 5.40 -0.28 -8.07
CA GLU A 45 4.48 0.53 -7.27
C GLU A 45 3.27 0.97 -8.07
N GLU A 46 3.55 1.53 -9.24
CA GLU A 46 2.51 2.12 -10.06
C GLU A 46 2.72 1.70 -11.51
N LYS A 47 2.31 0.49 -11.83
CA LYS A 47 2.49 -0.02 -13.18
C LYS A 47 1.38 -1.02 -13.52
N LYS A 48 0.98 -1.80 -12.54
CA LYS A 48 -0.02 -2.84 -12.77
C LYS A 48 -1.42 -2.26 -12.67
N GLN A 1 4.96 6.82 -9.39
CA GLN A 1 5.62 5.68 -8.71
C GLN A 1 5.34 5.72 -7.21
N ALA A 2 4.12 5.36 -6.82
CA ALA A 2 3.77 5.27 -5.40
C ALA A 2 2.85 4.09 -5.17
N VAL A 3 3.10 3.34 -4.10
CA VAL A 3 2.25 2.19 -3.75
C VAL A 3 0.99 2.66 -3.05
N GLU A 4 -0.07 1.88 -3.16
CA GLU A 4 -1.35 2.23 -2.57
C GLU A 4 -1.74 1.24 -1.48
N TYR A 5 -2.23 1.76 -0.37
CA TYR A 5 -2.74 0.91 0.70
C TYR A 5 -4.12 1.37 1.12
N ALA A 6 -5.02 0.43 1.33
CA ALA A 6 -6.38 0.76 1.73
C ALA A 6 -6.74 0.00 2.99
N CYS A 7 -7.11 0.75 4.02
CA CYS A 7 -7.46 0.14 5.29
C CYS A 7 -8.94 -0.24 5.30
N GLU A 8 -9.29 -1.15 6.19
CA GLU A 8 -10.66 -1.58 6.37
C GLU A 8 -11.47 -0.50 7.10
N LYS A 9 -10.83 0.63 7.35
CA LYS A 9 -11.47 1.76 7.98
C LYS A 9 -12.04 2.69 6.91
N GLY A 10 -11.57 2.52 5.68
CA GLY A 10 -12.13 3.24 4.56
C GLY A 10 -11.16 4.21 3.91
N HIS A 11 -9.97 4.34 4.46
CA HIS A 11 -8.99 5.29 3.93
C HIS A 11 -7.94 4.61 3.07
N ARG A 12 -7.54 5.30 2.01
CA ARG A 12 -6.44 4.86 1.17
C ARG A 12 -5.28 5.84 1.31
N PHE A 13 -4.07 5.34 1.19
CA PHE A 13 -2.89 6.19 1.36
C PHE A 13 -1.70 5.63 0.59
N GLU A 14 -0.81 6.51 0.18
CA GLU A 14 0.35 6.12 -0.61
C GLU A 14 1.62 6.21 0.23
N MET A 15 2.50 5.23 0.10
CA MET A 15 3.70 5.18 0.91
C MET A 15 4.92 4.95 0.02
N PRO A 16 6.10 5.41 0.46
CA PRO A 16 7.32 5.27 -0.31
C PRO A 16 7.94 3.87 -0.21
N PHE A 17 8.12 3.24 -1.36
CA PHE A 17 8.77 1.95 -1.47
C PHE A 17 9.70 1.96 -2.66
N SER A 18 10.30 0.81 -2.94
CA SER A 18 11.09 0.65 -4.15
C SER A 18 10.18 0.23 -5.28
N VAL A 19 10.47 0.71 -6.47
CA VAL A 19 9.68 0.40 -7.65
C VAL A 19 10.08 -0.97 -8.21
N GLU A 20 11.00 -1.62 -7.51
CA GLU A 20 11.47 -2.94 -7.92
C GLU A 20 11.32 -3.94 -6.78
N ALA A 21 10.70 -3.52 -5.69
CA ALA A 21 10.58 -4.37 -4.52
C ALA A 21 9.24 -5.08 -4.48
N GLU A 22 9.23 -6.29 -3.94
CA GLU A 22 8.00 -7.02 -3.78
C GLU A 22 7.17 -6.41 -2.65
N ILE A 23 6.33 -5.46 -3.03
CA ILE A 23 5.53 -4.70 -2.07
C ILE A 23 4.64 -5.63 -1.25
N PRO A 24 4.76 -5.57 0.09
CA PRO A 24 3.98 -6.42 1.01
C PRO A 24 2.48 -6.29 0.77
N PRO A 25 1.77 -7.43 0.62
CA PRO A 25 0.33 -7.46 0.34
C PRO A 25 -0.52 -6.78 1.41
N GLU A 26 0.05 -6.55 2.57
CA GLU A 26 -0.62 -5.82 3.63
C GLU A 26 0.38 -5.00 4.42
N TRP A 27 -0.06 -3.88 4.97
CA TRP A 27 0.78 -3.05 5.81
C TRP A 27 -0.06 -2.41 6.90
N GLU A 28 0.58 -1.97 7.97
CA GLU A 28 -0.11 -1.28 9.05
C GLU A 28 -0.65 0.08 8.58
N CYS A 29 -1.86 0.40 9.03
CA CYS A 29 -2.51 1.65 8.65
C CYS A 29 -1.97 2.82 9.47
N LYS A 30 -1.23 3.69 8.80
CA LYS A 30 -0.70 4.90 9.42
C LYS A 30 -1.77 5.97 9.58
N VAL A 31 -2.96 5.71 9.03
CA VAL A 31 -4.01 6.72 9.02
C VAL A 31 -4.79 6.74 10.32
N CYS A 32 -5.42 5.62 10.68
CA CYS A 32 -6.27 5.59 11.85
C CYS A 32 -5.77 4.59 12.89
N GLY A 33 -5.40 3.40 12.44
CA GLY A 33 -4.92 2.39 13.35
C GLY A 33 -5.54 1.03 13.09
N ALA A 34 -5.09 0.38 12.04
CA ALA A 34 -5.61 -0.92 11.63
C ALA A 34 -4.67 -1.54 10.62
N GLN A 35 -5.11 -2.62 9.98
CA GLN A 35 -4.33 -3.21 8.90
C GLN A 35 -4.85 -2.73 7.55
N ALA A 36 -3.93 -2.33 6.68
CA ALA A 36 -4.28 -1.86 5.37
C ALA A 36 -3.82 -2.85 4.31
N LEU A 37 -4.70 -3.17 3.39
CA LEU A 37 -4.38 -4.10 2.31
C LEU A 37 -3.72 -3.35 1.17
N LEU A 38 -2.68 -3.95 0.63
CA LEU A 38 -1.92 -3.37 -0.47
C LEU A 38 -2.76 -3.41 -1.74
N VAL A 39 -2.98 -2.24 -2.32
CA VAL A 39 -3.71 -2.13 -3.57
C VAL A 39 -2.75 -1.83 -4.71
N ASP A 40 -2.57 -2.83 -5.57
CA ASP A 40 -1.65 -2.75 -6.70
C ASP A 40 -0.21 -2.48 -6.26
N GLY A 41 0.59 -3.52 -6.26
CA GLY A 41 1.98 -3.40 -5.86
C GLY A 41 2.66 -4.74 -5.85
N ASP A 42 2.74 -5.37 -7.02
CA ASP A 42 3.39 -6.66 -7.15
C ASP A 42 4.88 -6.47 -7.42
N GLY A 43 5.31 -5.22 -7.38
CA GLY A 43 6.69 -4.88 -7.64
C GLY A 43 6.83 -3.42 -8.01
N PRO A 44 6.42 -3.05 -9.23
CA PRO A 44 6.40 -1.65 -9.66
C PRO A 44 5.33 -0.85 -8.94
N GLU A 45 5.72 0.28 -8.38
CA GLU A 45 4.78 1.16 -7.70
C GLU A 45 3.88 1.84 -8.72
N GLU A 46 2.58 1.89 -8.40
CA GLU A 46 1.61 2.60 -9.24
C GLU A 46 1.59 2.01 -10.64
N LYS A 47 1.63 0.69 -10.71
CA LYS A 47 1.57 -0.02 -11.98
C LYS A 47 0.15 0.04 -12.52
N LYS A 48 -0.79 -0.33 -11.64
CA LYS A 48 -2.22 -0.33 -11.95
C LYS A 48 -2.50 -0.96 -13.32
N GLN A 1 6.16 7.64 -7.99
CA GLN A 1 6.44 6.27 -7.49
C GLN A 1 6.01 6.14 -6.03
N ALA A 2 4.77 5.73 -5.81
CA ALA A 2 4.27 5.47 -4.47
C ALA A 2 3.34 4.27 -4.49
N VAL A 3 3.38 3.46 -3.45
CA VAL A 3 2.49 2.31 -3.35
C VAL A 3 1.19 2.72 -2.66
N GLU A 4 0.12 2.00 -2.96
CA GLU A 4 -1.21 2.36 -2.47
C GLU A 4 -1.75 1.32 -1.50
N TYR A 5 -2.03 1.73 -0.28
CA TYR A 5 -2.63 0.85 0.70
C TYR A 5 -4.06 1.30 1.04
N ALA A 6 -4.95 0.34 1.20
CA ALA A 6 -6.33 0.62 1.56
C ALA A 6 -6.81 -0.32 2.65
N CYS A 7 -7.33 0.26 3.73
CA CYS A 7 -7.76 -0.55 4.87
C CYS A 7 -9.21 -0.98 4.73
N GLU A 8 -9.71 -1.66 5.76
CA GLU A 8 -11.08 -2.14 5.79
C GLU A 8 -12.09 -0.99 5.86
N LYS A 9 -11.65 0.22 6.17
CA LYS A 9 -12.53 1.37 6.17
C LYS A 9 -12.60 2.00 4.79
N GLY A 10 -11.55 1.79 4.03
CA GLY A 10 -11.41 2.45 2.76
C GLY A 10 -10.38 3.57 2.82
N HIS A 11 -9.70 3.66 3.96
CA HIS A 11 -8.65 4.65 4.16
C HIS A 11 -7.45 4.30 3.28
N ARG A 12 -7.31 5.00 2.17
CA ARG A 12 -6.21 4.78 1.26
C ARG A 12 -5.12 5.79 1.50
N PHE A 13 -3.89 5.33 1.40
CA PHE A 13 -2.73 6.18 1.59
C PHE A 13 -1.55 5.69 0.77
N GLU A 14 -0.66 6.61 0.43
CA GLU A 14 0.49 6.30 -0.39
C GLU A 14 1.74 6.24 0.46
N MET A 15 2.60 5.26 0.22
CA MET A 15 3.86 5.15 0.92
C MET A 15 4.98 4.86 -0.06
N PRO A 16 6.20 5.37 0.21
CA PRO A 16 7.33 5.17 -0.69
C PRO A 16 8.03 3.83 -0.49
N PHE A 17 8.08 3.05 -1.55
CA PHE A 17 8.80 1.79 -1.60
C PHE A 17 9.72 1.80 -2.80
N SER A 18 10.40 0.69 -3.05
CA SER A 18 11.15 0.54 -4.27
C SER A 18 10.20 0.14 -5.39
N VAL A 19 10.36 0.77 -6.54
CA VAL A 19 9.51 0.50 -7.69
C VAL A 19 9.88 -0.84 -8.33
N GLU A 20 10.93 -1.47 -7.81
CA GLU A 20 11.41 -2.75 -8.31
C GLU A 20 11.38 -3.79 -7.20
N ALA A 21 10.59 -3.53 -6.16
CA ALA A 21 10.52 -4.43 -5.01
C ALA A 21 9.19 -5.16 -4.98
N GLU A 22 9.16 -6.25 -4.24
CA GLU A 22 7.94 -7.01 -4.04
C GLU A 22 7.13 -6.39 -2.91
N ILE A 23 6.28 -5.44 -3.27
CA ILE A 23 5.50 -4.68 -2.31
C ILE A 23 4.62 -5.62 -1.46
N PRO A 24 4.81 -5.60 -0.13
CA PRO A 24 4.04 -6.45 0.79
C PRO A 24 2.55 -6.23 0.65
N PRO A 25 1.78 -7.32 0.44
CA PRO A 25 0.32 -7.27 0.23
C PRO A 25 -0.47 -6.63 1.36
N GLU A 26 0.19 -6.35 2.48
CA GLU A 26 -0.48 -5.73 3.62
C GLU A 26 0.50 -4.91 4.43
N TRP A 27 0.01 -3.84 5.03
CA TRP A 27 0.82 -3.00 5.90
C TRP A 27 -0.10 -2.35 6.93
N GLU A 28 0.45 -1.91 8.06
CA GLU A 28 -0.35 -1.29 9.10
C GLU A 28 -0.82 0.11 8.67
N CYS A 29 -2.04 0.45 9.05
CA CYS A 29 -2.66 1.71 8.71
C CYS A 29 -2.16 2.84 9.60
N LYS A 30 -1.27 3.67 9.04
CA LYS A 30 -0.78 4.85 9.74
C LYS A 30 -1.81 5.99 9.71
N VAL A 31 -3.01 5.71 9.24
CA VAL A 31 -4.02 6.74 9.04
C VAL A 31 -5.04 6.77 10.17
N CYS A 32 -5.75 5.67 10.36
CA CYS A 32 -6.85 5.65 11.31
C CYS A 32 -6.55 4.79 12.54
N GLY A 33 -5.99 3.61 12.33
CA GLY A 33 -5.67 2.74 13.44
C GLY A 33 -6.14 1.32 13.20
N ALA A 34 -5.49 0.64 12.27
CA ALA A 34 -5.85 -0.72 11.89
C ALA A 34 -4.82 -1.26 10.92
N GLN A 35 -5.12 -2.37 10.26
CA GLN A 35 -4.27 -2.85 9.19
C GLN A 35 -4.84 -2.45 7.84
N ALA A 36 -3.95 -2.18 6.89
CA ALA A 36 -4.36 -1.82 5.54
C ALA A 36 -3.82 -2.83 4.54
N LEU A 37 -4.56 -3.06 3.47
CA LEU A 37 -4.14 -4.00 2.46
C LEU A 37 -3.58 -3.27 1.25
N LEU A 38 -2.53 -3.82 0.70
CA LEU A 38 -1.86 -3.23 -0.45
C LEU A 38 -2.72 -3.47 -1.70
N VAL A 39 -3.26 -2.40 -2.25
CA VAL A 39 -4.22 -2.51 -3.34
C VAL A 39 -3.58 -2.24 -4.69
N ASP A 40 -3.55 -3.27 -5.52
CA ASP A 40 -3.10 -3.19 -6.90
C ASP A 40 -1.68 -2.63 -6.99
N GLY A 41 -0.77 -3.22 -6.23
CA GLY A 41 0.62 -2.84 -6.29
C GLY A 41 1.50 -4.04 -6.49
N ASP A 42 1.39 -4.65 -7.65
CA ASP A 42 2.14 -5.85 -7.95
C ASP A 42 3.56 -5.50 -8.38
N GLY A 43 4.30 -4.88 -7.48
CA GLY A 43 5.68 -4.52 -7.74
C GLY A 43 5.85 -3.04 -8.01
N PRO A 44 5.85 -2.62 -9.28
CA PRO A 44 5.99 -1.20 -9.66
C PRO A 44 4.97 -0.30 -8.98
N GLU A 45 5.47 0.74 -8.33
CA GLU A 45 4.63 1.72 -7.66
C GLU A 45 3.85 2.55 -8.67
N GLU A 46 2.68 3.02 -8.26
CA GLU A 46 1.87 3.92 -9.08
C GLU A 46 1.56 3.29 -10.44
N LYS A 47 0.85 2.17 -10.41
CA LYS A 47 0.49 1.47 -11.63
C LYS A 47 -0.96 1.02 -11.57
N LYS A 48 -1.30 0.29 -10.51
CA LYS A 48 -2.61 -0.34 -10.37
C LYS A 48 -2.83 -1.36 -11.48
N GLN A 1 5.68 6.76 -8.97
CA GLN A 1 6.13 5.60 -8.17
C GLN A 1 5.58 5.70 -6.75
N ALA A 2 4.40 5.13 -6.54
CA ALA A 2 3.78 5.13 -5.23
C ALA A 2 3.05 3.82 -4.98
N VAL A 3 3.13 3.31 -3.76
CA VAL A 3 2.36 2.15 -3.35
C VAL A 3 1.09 2.62 -2.63
N GLU A 4 -0.03 1.94 -2.87
CA GLU A 4 -1.28 2.34 -2.26
C GLU A 4 -1.84 1.25 -1.37
N TYR A 5 -2.12 1.61 -0.14
CA TYR A 5 -2.71 0.69 0.82
C TYR A 5 -4.09 1.17 1.20
N ALA A 6 -5.03 0.24 1.26
CA ALA A 6 -6.40 0.57 1.62
C ALA A 6 -6.88 -0.30 2.77
N CYS A 7 -7.18 0.34 3.89
CA CYS A 7 -7.70 -0.37 5.04
C CYS A 7 -9.20 -0.59 4.88
N GLU A 8 -9.71 -1.60 5.56
CA GLU A 8 -11.12 -1.96 5.49
C GLU A 8 -11.98 -0.91 6.21
N LYS A 9 -11.32 0.07 6.83
CA LYS A 9 -11.98 1.22 7.39
C LYS A 9 -12.39 2.16 6.26
N GLY A 10 -11.73 2.02 5.12
CA GLY A 10 -12.03 2.84 3.96
C GLY A 10 -10.89 3.76 3.58
N HIS A 11 -9.95 3.93 4.50
CA HIS A 11 -8.82 4.84 4.30
C HIS A 11 -7.81 4.28 3.32
N ARG A 12 -7.47 5.08 2.32
CA ARG A 12 -6.37 4.75 1.41
C ARG A 12 -5.22 5.72 1.65
N PHE A 13 -4.02 5.29 1.35
CA PHE A 13 -2.85 6.13 1.50
C PHE A 13 -1.68 5.59 0.70
N GLU A 14 -0.78 6.47 0.30
CA GLU A 14 0.38 6.08 -0.48
C GLU A 14 1.65 6.27 0.34
N MET A 15 2.59 5.35 0.17
CA MET A 15 3.84 5.38 0.93
C MET A 15 5.03 5.14 0.01
N PRO A 16 6.22 5.63 0.40
CA PRO A 16 7.44 5.45 -0.39
C PRO A 16 8.02 4.05 -0.26
N PHE A 17 8.18 3.38 -1.39
CA PHE A 17 8.80 2.07 -1.47
C PHE A 17 9.63 1.99 -2.74
N SER A 18 10.22 0.84 -3.00
CA SER A 18 10.97 0.62 -4.23
C SER A 18 10.06 -0.01 -5.28
N VAL A 19 10.22 0.44 -6.52
CA VAL A 19 9.42 -0.07 -7.62
C VAL A 19 9.91 -1.45 -8.05
N GLU A 20 11.08 -1.83 -7.56
CA GLU A 20 11.65 -3.14 -7.85
C GLU A 20 11.56 -4.05 -6.64
N ALA A 21 10.82 -3.60 -5.63
CA ALA A 21 10.63 -4.36 -4.41
C ALA A 21 9.36 -5.19 -4.48
N GLU A 22 9.25 -6.18 -3.63
CA GLU A 22 8.05 -6.98 -3.51
C GLU A 22 7.12 -6.34 -2.48
N ILE A 23 6.35 -5.36 -2.93
CA ILE A 23 5.50 -4.59 -2.05
C ILE A 23 4.53 -5.49 -1.31
N PRO A 24 4.64 -5.52 0.03
CA PRO A 24 3.81 -6.37 0.90
C PRO A 24 2.33 -6.23 0.63
N PRO A 25 1.61 -7.37 0.51
CA PRO A 25 0.16 -7.39 0.25
C PRO A 25 -0.64 -6.70 1.35
N GLU A 26 -0.04 -6.54 2.51
CA GLU A 26 -0.67 -5.83 3.61
C GLU A 26 0.34 -4.98 4.35
N TRP A 27 -0.12 -3.86 4.91
CA TRP A 27 0.74 -3.04 5.73
C TRP A 27 -0.10 -2.34 6.80
N GLU A 28 0.51 -1.96 7.91
CA GLU A 28 -0.19 -1.25 8.96
C GLU A 28 -0.63 0.13 8.47
N CYS A 29 -1.83 0.53 8.87
CA CYS A 29 -2.38 1.81 8.49
C CYS A 29 -1.81 2.92 9.36
N LYS A 30 -0.99 3.77 8.75
CA LYS A 30 -0.41 4.91 9.44
C LYS A 30 -1.43 6.02 9.62
N VAL A 31 -2.63 5.83 9.09
CA VAL A 31 -3.63 6.89 9.09
C VAL A 31 -4.62 6.75 10.24
N CYS A 32 -5.35 5.65 10.29
CA CYS A 32 -6.43 5.52 11.24
C CYS A 32 -6.07 4.59 12.41
N GLY A 33 -5.52 3.42 12.11
CA GLY A 33 -5.11 2.52 13.17
C GLY A 33 -5.58 1.10 12.94
N ALA A 34 -5.25 0.53 11.80
CA ALA A 34 -5.66 -0.81 11.44
C ALA A 34 -4.68 -1.41 10.46
N GLN A 35 -5.00 -2.57 9.90
CA GLN A 35 -4.17 -3.13 8.85
C GLN A 35 -4.77 -2.80 7.48
N ALA A 36 -3.98 -2.15 6.65
CA ALA A 36 -4.41 -1.77 5.32
C ALA A 36 -3.90 -2.77 4.30
N LEU A 37 -4.74 -3.09 3.33
CA LEU A 37 -4.37 -4.04 2.30
C LEU A 37 -3.79 -3.32 1.10
N LEU A 38 -2.69 -3.84 0.58
CA LEU A 38 -2.05 -3.27 -0.59
C LEU A 38 -2.94 -3.50 -1.81
N VAL A 39 -3.40 -2.42 -2.41
CA VAL A 39 -4.35 -2.52 -3.51
C VAL A 39 -3.68 -2.26 -4.86
N ASP A 40 -3.59 -3.33 -5.66
CA ASP A 40 -3.01 -3.28 -7.01
C ASP A 40 -1.52 -3.02 -6.97
N GLY A 41 -0.75 -4.10 -6.92
CA GLY A 41 0.68 -4.01 -6.97
C GLY A 41 1.32 -5.37 -6.82
N ASP A 42 1.46 -5.81 -5.57
CA ASP A 42 2.06 -7.10 -5.25
C ASP A 42 3.38 -7.27 -6.00
N GLY A 43 4.16 -6.20 -6.00
CA GLY A 43 5.40 -6.17 -6.73
C GLY A 43 5.77 -4.76 -7.12
N PRO A 44 5.76 -4.41 -8.40
CA PRO A 44 6.09 -3.07 -8.85
C PRO A 44 5.04 -2.05 -8.44
N GLU A 45 5.48 -1.01 -7.74
CA GLU A 45 4.58 0.05 -7.30
C GLU A 45 4.16 0.90 -8.48
N GLU A 46 3.02 1.60 -8.33
CA GLU A 46 2.50 2.50 -9.36
C GLU A 46 1.94 1.74 -10.57
N LYS A 47 2.65 0.70 -10.97
CA LYS A 47 2.27 -0.10 -12.13
C LYS A 47 0.89 -0.72 -11.95
N LYS A 48 0.64 -1.25 -10.76
CA LYS A 48 -0.67 -1.80 -10.41
C LYS A 48 -1.01 -2.98 -11.32
N GLN A 1 6.04 6.80 -8.83
CA GLN A 1 6.44 5.61 -8.03
C GLN A 1 5.93 5.73 -6.58
N ALA A 2 4.69 5.34 -6.36
CA ALA A 2 4.14 5.30 -5.00
C ALA A 2 3.23 4.09 -4.85
N VAL A 3 3.33 3.40 -3.72
CA VAL A 3 2.46 2.26 -3.44
C VAL A 3 1.22 2.75 -2.69
N GLU A 4 0.10 2.08 -2.93
CA GLU A 4 -1.16 2.50 -2.33
C GLU A 4 -1.74 1.42 -1.42
N TYR A 5 -1.99 1.79 -0.18
CA TYR A 5 -2.59 0.88 0.78
C TYR A 5 -3.98 1.36 1.15
N ALA A 6 -4.92 0.44 1.24
CA ALA A 6 -6.29 0.77 1.61
C ALA A 6 -6.68 0.02 2.88
N CYS A 7 -7.04 0.75 3.91
CA CYS A 7 -7.35 0.16 5.20
C CYS A 7 -8.79 -0.33 5.23
N GLU A 8 -9.10 -1.14 6.24
CA GLU A 8 -10.46 -1.63 6.46
C GLU A 8 -11.34 -0.53 7.05
N LYS A 9 -10.76 0.66 7.20
CA LYS A 9 -11.47 1.77 7.82
C LYS A 9 -12.03 2.70 6.76
N GLY A 10 -11.78 2.36 5.49
CA GLY A 10 -12.36 3.11 4.39
C GLY A 10 -11.43 4.19 3.85
N HIS A 11 -10.19 4.20 4.30
CA HIS A 11 -9.24 5.21 3.83
C HIS A 11 -8.16 4.59 2.97
N ARG A 12 -7.55 5.40 2.11
CA ARG A 12 -6.42 4.98 1.29
C ARG A 12 -5.25 5.89 1.57
N PHE A 13 -4.04 5.37 1.49
CA PHE A 13 -2.84 6.18 1.70
C PHE A 13 -1.69 5.70 0.83
N GLU A 14 -0.78 6.62 0.52
CA GLU A 14 0.33 6.33 -0.36
C GLU A 14 1.64 6.33 0.42
N MET A 15 2.50 5.37 0.13
CA MET A 15 3.80 5.29 0.77
C MET A 15 4.87 4.97 -0.27
N PRO A 16 6.09 5.47 -0.08
CA PRO A 16 7.19 5.19 -1.00
C PRO A 16 7.88 3.86 -0.71
N PHE A 17 7.91 2.99 -1.71
CA PHE A 17 8.64 1.74 -1.64
C PHE A 17 9.60 1.66 -2.80
N SER A 18 10.27 0.55 -2.94
CA SER A 18 11.08 0.30 -4.11
C SER A 18 10.22 -0.36 -5.18
N VAL A 19 10.30 0.16 -6.39
CA VAL A 19 9.50 -0.35 -7.50
C VAL A 19 10.08 -1.66 -8.00
N GLU A 20 11.30 -1.96 -7.55
CA GLU A 20 11.96 -3.20 -7.90
C GLU A 20 11.81 -4.21 -6.76
N ALA A 21 11.03 -3.85 -5.76
CA ALA A 21 10.84 -4.70 -4.59
C ALA A 21 9.50 -5.42 -4.66
N GLU A 22 9.39 -6.49 -3.90
CA GLU A 22 8.13 -7.19 -3.74
C GLU A 22 7.24 -6.40 -2.78
N ILE A 23 6.37 -5.57 -3.34
CA ILE A 23 5.51 -4.71 -2.53
C ILE A 23 4.65 -5.54 -1.59
N PRO A 24 4.83 -5.34 -0.26
CA PRO A 24 4.10 -6.10 0.77
C PRO A 24 2.59 -6.04 0.55
N PRO A 25 1.94 -7.23 0.48
CA PRO A 25 0.49 -7.34 0.21
C PRO A 25 -0.37 -6.69 1.29
N GLU A 26 0.25 -6.34 2.41
CA GLU A 26 -0.46 -5.70 3.50
C GLU A 26 0.53 -4.95 4.39
N TRP A 27 0.08 -3.81 4.89
CA TRP A 27 0.90 -2.99 5.78
C TRP A 27 -0.02 -2.38 6.84
N GLU A 28 0.54 -1.97 7.96
CA GLU A 28 -0.24 -1.35 9.02
C GLU A 28 -0.77 0.01 8.57
N CYS A 29 -1.98 0.34 9.01
CA CYS A 29 -2.62 1.60 8.67
C CYS A 29 -2.14 2.72 9.58
N LYS A 30 -1.33 3.62 9.02
CA LYS A 30 -0.86 4.79 9.75
C LYS A 30 -1.95 5.87 9.83
N VAL A 31 -3.09 5.62 9.19
CA VAL A 31 -4.12 6.63 9.08
C VAL A 31 -5.06 6.62 10.27
N CYS A 32 -5.73 5.51 10.50
CA CYS A 32 -6.74 5.45 11.54
C CYS A 32 -6.31 4.62 12.74
N GLY A 33 -5.72 3.47 12.48
CA GLY A 33 -5.29 2.60 13.56
C GLY A 33 -5.71 1.17 13.35
N ALA A 34 -5.33 0.62 12.22
CA ALA A 34 -5.71 -0.74 11.86
C ALA A 34 -4.67 -1.32 10.91
N GLN A 35 -4.99 -2.42 10.26
CA GLN A 35 -4.14 -2.92 9.19
C GLN A 35 -4.74 -2.52 7.84
N ALA A 36 -3.87 -2.33 6.86
CA ALA A 36 -4.31 -1.93 5.54
C ALA A 36 -3.81 -2.93 4.49
N LEU A 37 -4.60 -3.12 3.46
CA LEU A 37 -4.23 -4.05 2.40
C LEU A 37 -3.66 -3.30 1.21
N LEU A 38 -2.62 -3.85 0.63
CA LEU A 38 -1.97 -3.26 -0.51
C LEU A 38 -2.83 -3.48 -1.76
N VAL A 39 -3.19 -2.40 -2.43
CA VAL A 39 -4.07 -2.49 -3.57
C VAL A 39 -3.28 -2.40 -4.89
N ASP A 40 -3.23 -3.53 -5.59
CA ASP A 40 -2.57 -3.63 -6.90
C ASP A 40 -1.07 -3.38 -6.81
N GLY A 41 -0.33 -4.41 -6.41
CA GLY A 41 1.12 -4.29 -6.32
C GLY A 41 1.83 -5.54 -6.78
N ASP A 42 2.38 -6.29 -5.82
CA ASP A 42 3.13 -7.52 -6.11
C ASP A 42 4.40 -7.22 -6.88
N GLY A 43 4.92 -6.02 -6.72
CA GLY A 43 6.13 -5.64 -7.41
C GLY A 43 6.14 -4.17 -7.82
N PRO A 44 5.27 -3.78 -8.76
CA PRO A 44 5.16 -2.40 -9.20
C PRO A 44 4.44 -1.53 -8.18
N GLU A 45 4.86 -0.27 -8.11
CA GLU A 45 4.28 0.68 -7.18
C GLU A 45 3.08 1.38 -7.79
N GLU A 46 3.31 2.02 -8.92
CA GLU A 46 2.35 2.96 -9.48
C GLU A 46 1.81 2.47 -10.82
N LYS A 47 1.97 1.18 -11.06
CA LYS A 47 1.40 0.56 -12.25
C LYS A 47 -0.09 0.29 -12.04
N LYS A 48 -0.40 -0.26 -10.87
CA LYS A 48 -1.77 -0.60 -10.49
C LYS A 48 -2.39 -1.58 -11.49
N GLN A 1 5.01 6.14 -9.98
CA GLN A 1 5.90 5.19 -9.28
C GLN A 1 5.62 5.23 -7.78
N ALA A 2 4.42 4.80 -7.40
CA ALA A 2 4.03 4.81 -5.99
C ALA A 2 3.20 3.57 -5.64
N VAL A 3 3.16 3.23 -4.36
CA VAL A 3 2.34 2.13 -3.89
C VAL A 3 1.08 2.67 -3.22
N GLU A 4 0.03 1.86 -3.17
CA GLU A 4 -1.24 2.30 -2.60
C GLU A 4 -1.77 1.29 -1.60
N TYR A 5 -2.11 1.77 -0.41
CA TYR A 5 -2.69 0.91 0.62
C TYR A 5 -4.07 1.41 1.01
N ALA A 6 -4.97 0.47 1.29
CA ALA A 6 -6.32 0.81 1.72
C ALA A 6 -6.66 0.09 3.02
N CYS A 7 -7.10 0.83 4.01
CA CYS A 7 -7.39 0.26 5.32
C CYS A 7 -8.83 -0.21 5.41
N GLU A 8 -9.14 -0.97 6.46
CA GLU A 8 -10.50 -1.44 6.71
C GLU A 8 -11.41 -0.30 7.15
N LYS A 9 -10.82 0.87 7.36
CA LYS A 9 -11.57 2.05 7.75
C LYS A 9 -12.13 2.74 6.51
N GLY A 10 -11.63 2.35 5.35
CA GLY A 10 -12.11 2.90 4.11
C GLY A 10 -11.24 4.03 3.60
N HIS A 11 -10.05 4.16 4.17
CA HIS A 11 -9.13 5.20 3.73
C HIS A 11 -8.01 4.60 2.90
N ARG A 12 -7.53 5.34 1.91
CA ARG A 12 -6.44 4.91 1.07
C ARG A 12 -5.29 5.89 1.17
N PHE A 13 -4.07 5.37 1.15
CA PHE A 13 -2.89 6.21 1.32
C PHE A 13 -1.70 5.62 0.58
N GLU A 14 -0.77 6.50 0.22
CA GLU A 14 0.42 6.11 -0.53
C GLU A 14 1.65 6.25 0.36
N MET A 15 2.60 5.34 0.21
CA MET A 15 3.82 5.36 1.01
C MET A 15 5.02 5.07 0.12
N PRO A 16 6.20 5.62 0.45
CA PRO A 16 7.41 5.47 -0.38
C PRO A 16 7.99 4.05 -0.33
N PHE A 17 8.10 3.44 -1.50
CA PHE A 17 8.67 2.12 -1.65
C PHE A 17 9.50 2.06 -2.93
N SER A 18 10.04 0.90 -3.23
CA SER A 18 10.81 0.71 -4.43
C SER A 18 9.99 -0.07 -5.46
N VAL A 19 10.18 0.29 -6.73
CA VAL A 19 9.52 -0.37 -7.83
C VAL A 19 10.19 -1.70 -8.10
N GLU A 20 11.30 -1.93 -7.42
CA GLU A 20 12.06 -3.15 -7.55
C GLU A 20 11.93 -3.97 -6.26
N ALA A 21 10.87 -3.72 -5.51
CA ALA A 21 10.67 -4.37 -4.23
C ALA A 21 9.38 -5.17 -4.25
N GLU A 22 9.38 -6.29 -3.54
CA GLU A 22 8.19 -7.09 -3.37
C GLU A 22 7.27 -6.40 -2.38
N ILE A 23 6.46 -5.47 -2.89
CA ILE A 23 5.56 -4.69 -2.05
C ILE A 23 4.60 -5.60 -1.28
N PRO A 24 4.70 -5.57 0.06
CA PRO A 24 3.87 -6.41 0.93
C PRO A 24 2.38 -6.25 0.63
N PRO A 25 1.66 -7.37 0.47
CA PRO A 25 0.21 -7.37 0.17
C PRO A 25 -0.62 -6.72 1.26
N GLU A 26 0.00 -6.47 2.41
CA GLU A 26 -0.68 -5.84 3.53
C GLU A 26 0.33 -5.13 4.44
N TRP A 27 -0.02 -3.93 4.88
CA TRP A 27 0.85 -3.13 5.71
C TRP A 27 0.02 -2.51 6.84
N GLU A 28 0.66 -2.11 7.93
CA GLU A 28 -0.05 -1.49 9.04
C GLU A 28 -0.58 -0.10 8.63
N CYS A 29 -1.77 0.23 9.09
CA CYS A 29 -2.40 1.50 8.74
C CYS A 29 -1.91 2.61 9.66
N LYS A 30 -1.12 3.51 9.08
CA LYS A 30 -0.65 4.69 9.80
C LYS A 30 -1.76 5.74 9.92
N VAL A 31 -2.82 5.58 9.15
CA VAL A 31 -3.85 6.61 9.06
C VAL A 31 -4.77 6.61 10.27
N CYS A 32 -5.46 5.50 10.49
CA CYS A 32 -6.48 5.47 11.53
C CYS A 32 -6.07 4.58 12.70
N GLY A 33 -5.53 3.40 12.41
CA GLY A 33 -5.07 2.53 13.46
C GLY A 33 -5.52 1.10 13.26
N ALA A 34 -5.19 0.54 12.11
CA ALA A 34 -5.62 -0.81 11.76
C ALA A 34 -4.61 -1.45 10.82
N GLN A 35 -5.02 -2.51 10.15
CA GLN A 35 -4.21 -3.07 9.07
C GLN A 35 -4.75 -2.58 7.73
N ALA A 36 -3.84 -2.31 6.81
CA ALA A 36 -4.22 -1.84 5.49
C ALA A 36 -3.79 -2.84 4.43
N LEU A 37 -4.66 -3.05 3.45
CA LEU A 37 -4.37 -3.97 2.37
C LEU A 37 -3.75 -3.22 1.20
N LEU A 38 -2.70 -3.80 0.66
CA LEU A 38 -2.04 -3.25 -0.51
C LEU A 38 -2.97 -3.41 -1.71
N VAL A 39 -3.36 -2.29 -2.31
CA VAL A 39 -4.33 -2.31 -3.39
C VAL A 39 -3.67 -2.03 -4.73
N ASP A 40 -3.77 -3.01 -5.63
CA ASP A 40 -3.24 -2.90 -6.99
C ASP A 40 -1.76 -2.59 -7.02
N GLY A 41 -0.97 -3.50 -6.46
CA GLY A 41 0.47 -3.39 -6.52
C GLY A 41 1.10 -4.75 -6.64
N ASP A 42 0.83 -5.41 -7.75
CA ASP A 42 1.38 -6.72 -8.05
C ASP A 42 2.89 -6.63 -8.25
N GLY A 43 3.62 -6.67 -7.14
CA GLY A 43 5.07 -6.56 -7.17
C GLY A 43 5.52 -5.13 -7.31
N PRO A 44 6.10 -4.76 -8.47
CA PRO A 44 6.55 -3.39 -8.71
C PRO A 44 5.45 -2.36 -8.47
N GLU A 45 5.81 -1.27 -7.83
CA GLU A 45 4.85 -0.20 -7.56
C GLU A 45 4.42 0.45 -8.86
N GLU A 46 3.20 0.99 -8.87
CA GLU A 46 2.67 1.67 -10.04
C GLU A 46 2.49 0.70 -11.21
N LYS A 47 2.50 -0.59 -10.91
CA LYS A 47 2.33 -1.62 -11.93
C LYS A 47 0.86 -1.98 -12.07
N LYS A 48 0.25 -2.38 -10.96
CA LYS A 48 -1.14 -2.79 -10.94
C LYS A 48 -1.35 -4.05 -11.78
N GLN A 1 5.39 7.54 -8.48
CA GLN A 1 6.01 6.32 -7.91
C GLN A 1 5.65 6.18 -6.44
N ALA A 2 4.43 5.74 -6.18
CA ALA A 2 3.98 5.50 -4.82
C ALA A 2 3.11 4.26 -4.75
N VAL A 3 3.27 3.46 -3.71
CA VAL A 3 2.43 2.30 -3.50
C VAL A 3 1.17 2.73 -2.73
N GLU A 4 0.05 2.06 -2.98
CA GLU A 4 -1.20 2.46 -2.37
C GLU A 4 -1.77 1.36 -1.49
N TYR A 5 -2.13 1.74 -0.27
CA TYR A 5 -2.73 0.82 0.67
C TYR A 5 -4.12 1.29 1.04
N ALA A 6 -5.04 0.35 1.17
CA ALA A 6 -6.41 0.68 1.56
C ALA A 6 -6.84 -0.16 2.75
N CYS A 7 -7.06 0.50 3.87
CA CYS A 7 -7.48 -0.19 5.07
C CYS A 7 -9.01 -0.34 5.08
N GLU A 8 -9.48 -1.23 5.95
CA GLU A 8 -10.90 -1.54 6.06
C GLU A 8 -11.69 -0.34 6.58
N LYS A 9 -10.97 0.67 7.07
CA LYS A 9 -11.57 1.91 7.52
C LYS A 9 -12.07 2.73 6.34
N GLY A 10 -11.75 2.28 5.13
CA GLY A 10 -12.21 2.97 3.94
C GLY A 10 -11.27 4.08 3.53
N HIS A 11 -10.13 4.14 4.20
CA HIS A 11 -9.14 5.17 3.91
C HIS A 11 -7.96 4.59 3.16
N ARG A 12 -7.60 5.24 2.07
CA ARG A 12 -6.45 4.84 1.29
C ARG A 12 -5.30 5.82 1.51
N PHE A 13 -4.09 5.34 1.34
CA PHE A 13 -2.91 6.19 1.51
C PHE A 13 -1.75 5.64 0.70
N GLU A 14 -0.86 6.53 0.31
CA GLU A 14 0.32 6.15 -0.45
C GLU A 14 1.56 6.20 0.44
N MET A 15 2.42 5.21 0.27
CA MET A 15 3.66 5.13 1.04
C MET A 15 4.84 4.88 0.13
N PRO A 16 6.03 5.36 0.53
CA PRO A 16 7.24 5.18 -0.27
C PRO A 16 7.85 3.79 -0.12
N PHE A 17 7.99 3.10 -1.24
CA PHE A 17 8.69 1.83 -1.32
C PHE A 17 9.66 1.88 -2.48
N SER A 18 10.33 0.77 -2.73
CA SER A 18 11.19 0.68 -3.89
C SER A 18 10.37 0.21 -5.09
N VAL A 19 10.61 0.84 -6.23
CA VAL A 19 9.82 0.60 -7.43
C VAL A 19 10.12 -0.76 -8.06
N GLU A 20 11.14 -1.43 -7.55
CA GLU A 20 11.50 -2.77 -8.02
C GLU A 20 11.50 -3.77 -6.88
N ALA A 21 10.81 -3.43 -5.79
CA ALA A 21 10.72 -4.31 -4.63
C ALA A 21 9.38 -5.03 -4.60
N GLU A 22 9.32 -6.12 -3.87
CA GLU A 22 8.08 -6.85 -3.68
C GLU A 22 7.22 -6.11 -2.66
N ILE A 23 6.17 -5.46 -3.13
CA ILE A 23 5.33 -4.66 -2.26
C ILE A 23 4.43 -5.56 -1.43
N PRO A 24 4.57 -5.53 -0.09
CA PRO A 24 3.81 -6.38 0.82
C PRO A 24 2.30 -6.24 0.64
N PRO A 25 1.60 -7.39 0.47
CA PRO A 25 0.14 -7.42 0.24
C PRO A 25 -0.66 -6.81 1.40
N GLU A 26 0.00 -6.62 2.53
CA GLU A 26 -0.62 -6.02 3.70
C GLU A 26 0.41 -5.22 4.48
N TRP A 27 -0.01 -4.07 5.00
CA TRP A 27 0.87 -3.23 5.80
C TRP A 27 0.04 -2.50 6.85
N GLU A 28 0.68 -2.04 7.91
CA GLU A 28 0.00 -1.30 8.96
C GLU A 28 -0.53 0.04 8.44
N CYS A 29 -1.71 0.42 8.91
CA CYS A 29 -2.35 1.67 8.49
C CYS A 29 -1.82 2.85 9.29
N LYS A 30 -1.10 3.73 8.62
CA LYS A 30 -0.59 4.95 9.24
C LYS A 30 -1.69 5.99 9.42
N VAL A 31 -2.84 5.76 8.77
CA VAL A 31 -3.90 6.77 8.73
C VAL A 31 -4.74 6.76 10.00
N CYS A 32 -5.38 5.64 10.30
CA CYS A 32 -6.32 5.60 11.42
C CYS A 32 -5.84 4.70 12.55
N GLY A 33 -5.37 3.51 12.21
CA GLY A 33 -4.91 2.59 13.23
C GLY A 33 -5.45 1.21 13.02
N ALA A 34 -5.00 0.56 11.96
CA ALA A 34 -5.48 -0.76 11.60
C ALA A 34 -4.52 -1.41 10.63
N GLN A 35 -4.92 -2.53 10.05
CA GLN A 35 -4.11 -3.17 9.02
C GLN A 35 -4.66 -2.82 7.64
N ALA A 36 -3.84 -2.15 6.85
CA ALA A 36 -4.23 -1.75 5.52
C ALA A 36 -3.81 -2.80 4.51
N LEU A 37 -4.65 -3.05 3.52
CA LEU A 37 -4.33 -4.03 2.51
C LEU A 37 -3.79 -3.33 1.27
N LEU A 38 -2.73 -3.90 0.72
CA LEU A 38 -2.09 -3.36 -0.47
C LEU A 38 -3.00 -3.54 -1.67
N VAL A 39 -3.38 -2.43 -2.30
CA VAL A 39 -4.31 -2.47 -3.41
C VAL A 39 -3.64 -2.05 -4.71
N ASP A 40 -3.97 -2.76 -5.79
CA ASP A 40 -3.49 -2.44 -7.13
C ASP A 40 -1.98 -2.30 -7.19
N GLY A 41 -1.28 -3.26 -6.61
CA GLY A 41 0.17 -3.26 -6.67
C GLY A 41 0.73 -4.66 -6.79
N ASP A 42 2.04 -4.74 -6.83
CA ASP A 42 2.75 -6.00 -6.93
C ASP A 42 4.22 -5.74 -6.66
N GLY A 43 4.81 -4.91 -7.50
CA GLY A 43 6.17 -4.53 -7.31
C GLY A 43 6.42 -3.09 -7.69
N PRO A 44 6.32 -2.75 -8.99
CA PRO A 44 6.45 -1.36 -9.43
C PRO A 44 5.38 -0.47 -8.81
N GLU A 45 5.82 0.59 -8.13
CA GLU A 45 4.91 1.53 -7.51
C GLU A 45 4.08 2.23 -8.56
N GLU A 46 2.79 2.33 -8.31
CA GLU A 46 1.90 3.18 -9.10
C GLU A 46 1.77 2.67 -10.54
N LYS A 47 2.03 1.38 -10.73
CA LYS A 47 1.87 0.76 -12.04
C LYS A 47 0.40 0.78 -12.45
N LYS A 48 -0.46 0.61 -11.48
CA LYS A 48 -1.89 0.63 -11.71
C LYS A 48 -2.48 1.91 -11.13
N GLN A 1 5.00 7.18 -8.64
CA GLN A 1 5.75 6.04 -8.07
C GLN A 1 5.50 5.93 -6.57
N ALA A 2 4.29 5.52 -6.22
CA ALA A 2 3.93 5.36 -4.82
C ALA A 2 3.02 4.15 -4.65
N VAL A 3 3.30 3.34 -3.63
CA VAL A 3 2.45 2.21 -3.31
C VAL A 3 1.25 2.69 -2.50
N GLU A 4 0.08 2.13 -2.77
CA GLU A 4 -1.13 2.55 -2.10
C GLU A 4 -1.74 1.42 -1.29
N TYR A 5 -2.04 1.70 -0.03
CA TYR A 5 -2.67 0.74 0.86
C TYR A 5 -4.06 1.24 1.26
N ALA A 6 -5.01 0.33 1.35
CA ALA A 6 -6.36 0.68 1.76
C ALA A 6 -6.73 -0.05 3.06
N CYS A 7 -7.09 0.72 4.07
CA CYS A 7 -7.40 0.15 5.38
C CYS A 7 -8.84 -0.34 5.44
N GLU A 8 -9.16 -1.05 6.51
CA GLU A 8 -10.52 -1.52 6.75
C GLU A 8 -11.44 -0.38 7.17
N LYS A 9 -10.84 0.80 7.37
CA LYS A 9 -11.60 1.99 7.73
C LYS A 9 -12.10 2.69 6.48
N GLY A 10 -11.57 2.28 5.33
CA GLY A 10 -11.99 2.84 4.07
C GLY A 10 -11.14 4.01 3.64
N HIS A 11 -9.94 4.11 4.19
CA HIS A 11 -9.02 5.17 3.82
C HIS A 11 -7.80 4.59 3.11
N ARG A 12 -7.44 5.17 1.99
CA ARG A 12 -6.27 4.73 1.24
C ARG A 12 -5.13 5.72 1.43
N PHE A 13 -3.92 5.22 1.46
CA PHE A 13 -2.75 6.08 1.65
C PHE A 13 -1.57 5.59 0.81
N GLU A 14 -0.70 6.51 0.45
CA GLU A 14 0.46 6.19 -0.37
C GLU A 14 1.72 6.22 0.49
N MET A 15 2.66 5.33 0.19
CA MET A 15 3.93 5.28 0.90
C MET A 15 5.06 5.01 -0.07
N PRO A 16 6.26 5.54 0.21
CA PRO A 16 7.44 5.35 -0.64
C PRO A 16 8.05 3.95 -0.51
N PHE A 17 8.12 3.25 -1.62
CA PHE A 17 8.76 1.95 -1.71
C PHE A 17 9.59 1.89 -2.99
N SER A 18 10.18 0.75 -3.27
CA SER A 18 10.88 0.57 -4.53
C SER A 18 9.94 -0.04 -5.55
N VAL A 19 10.12 0.32 -6.80
CA VAL A 19 9.31 -0.25 -7.86
C VAL A 19 9.87 -1.60 -8.30
N GLU A 20 11.03 -1.95 -7.75
CA GLU A 20 11.64 -3.24 -7.99
C GLU A 20 11.67 -4.06 -6.71
N ALA A 21 10.81 -3.69 -5.77
CA ALA A 21 10.70 -4.40 -4.51
C ALA A 21 9.41 -5.18 -4.45
N GLU A 22 9.40 -6.26 -3.69
CA GLU A 22 8.19 -7.04 -3.50
C GLU A 22 7.25 -6.29 -2.55
N ILE A 23 6.41 -5.43 -3.12
CA ILE A 23 5.50 -4.60 -2.32
C ILE A 23 4.58 -5.47 -1.47
N PRO A 24 4.71 -5.36 -0.13
CA PRO A 24 3.95 -6.19 0.82
C PRO A 24 2.45 -6.15 0.57
N PRO A 25 1.80 -7.33 0.53
CA PRO A 25 0.35 -7.45 0.27
C PRO A 25 -0.51 -6.75 1.32
N GLU A 26 0.05 -6.55 2.50
CA GLU A 26 -0.64 -5.84 3.56
C GLU A 26 0.35 -5.02 4.36
N TRP A 27 -0.13 -3.93 4.94
CA TRP A 27 0.70 -3.07 5.77
C TRP A 27 -0.16 -2.43 6.86
N GLU A 28 0.47 -1.96 7.93
CA GLU A 28 -0.26 -1.28 8.99
C GLU A 28 -0.80 0.06 8.50
N CYS A 29 -1.98 0.42 8.98
CA CYS A 29 -2.63 1.66 8.62
C CYS A 29 -2.06 2.83 9.41
N LYS A 30 -1.31 3.68 8.71
CA LYS A 30 -0.76 4.88 9.33
C LYS A 30 -1.82 5.97 9.50
N VAL A 31 -3.00 5.75 8.91
CA VAL A 31 -4.02 6.77 8.85
C VAL A 31 -4.89 6.78 10.10
N CYS A 32 -5.57 5.67 10.36
CA CYS A 32 -6.54 5.63 11.46
C CYS A 32 -6.07 4.72 12.58
N GLY A 33 -5.62 3.53 12.23
CA GLY A 33 -5.16 2.60 13.25
C GLY A 33 -5.71 1.21 13.05
N ALA A 34 -5.15 0.48 12.10
CA ALA A 34 -5.60 -0.86 11.78
C ALA A 34 -4.63 -1.50 10.80
N GLN A 35 -5.01 -2.62 10.21
CA GLN A 35 -4.23 -3.20 9.13
C GLN A 35 -4.83 -2.80 7.80
N ALA A 36 -3.98 -2.52 6.84
CA ALA A 36 -4.42 -2.10 5.52
C ALA A 36 -3.95 -3.07 4.47
N LEU A 37 -4.74 -3.22 3.42
CA LEU A 37 -4.41 -4.12 2.34
C LEU A 37 -3.82 -3.35 1.17
N LEU A 38 -2.76 -3.89 0.61
CA LEU A 38 -2.08 -3.29 -0.51
C LEU A 38 -2.95 -3.39 -1.76
N VAL A 39 -3.25 -2.24 -2.36
CA VAL A 39 -4.07 -2.19 -3.55
C VAL A 39 -3.24 -1.84 -4.78
N ASP A 40 -3.08 -2.82 -5.67
CA ASP A 40 -2.29 -2.67 -6.91
C ASP A 40 -0.81 -2.47 -6.61
N GLY A 41 -0.05 -3.56 -6.61
CA GLY A 41 1.37 -3.48 -6.34
C GLY A 41 2.06 -4.82 -6.52
N ASP A 42 2.54 -5.38 -5.41
CA ASP A 42 3.28 -6.64 -5.42
C ASP A 42 4.49 -6.56 -6.36
N GLY A 43 5.13 -5.42 -6.35
CA GLY A 43 6.30 -5.21 -7.19
C GLY A 43 6.41 -3.77 -7.64
N PRO A 44 5.71 -3.40 -8.71
CA PRO A 44 5.65 -2.01 -9.17
C PRO A 44 4.71 -1.19 -8.29
N GLU A 45 5.12 0.03 -7.98
CA GLU A 45 4.36 0.90 -7.09
C GLU A 45 3.12 1.44 -7.78
N GLU A 46 3.32 1.94 -8.99
CA GLU A 46 2.29 2.71 -9.66
C GLU A 46 2.20 2.30 -11.13
N LYS A 47 2.44 1.04 -11.40
CA LYS A 47 2.36 0.52 -12.76
C LYS A 47 1.05 -0.23 -12.96
N LYS A 48 0.38 -0.51 -11.84
CA LYS A 48 -0.89 -1.21 -11.87
C LYS A 48 -2.02 -0.24 -11.56
N GLN A 1 5.79 6.29 -9.24
CA GLN A 1 6.32 5.21 -8.37
C GLN A 1 5.87 5.40 -6.93
N ALA A 2 4.65 4.99 -6.64
CA ALA A 2 4.12 5.05 -5.29
C ALA A 2 3.25 3.83 -5.02
N VAL A 3 3.34 3.29 -3.81
CA VAL A 3 2.51 2.16 -3.44
C VAL A 3 1.26 2.65 -2.71
N GLU A 4 0.14 2.00 -2.97
CA GLU A 4 -1.13 2.43 -2.40
C GLU A 4 -1.74 1.33 -1.53
N TYR A 5 -2.23 1.72 -0.36
CA TYR A 5 -2.85 0.77 0.55
C TYR A 5 -4.24 1.24 0.93
N ALA A 6 -5.16 0.30 1.09
CA ALA A 6 -6.51 0.61 1.48
C ALA A 6 -6.95 -0.27 2.64
N CYS A 7 -7.26 0.35 3.76
CA CYS A 7 -7.69 -0.39 4.94
C CYS A 7 -9.20 -0.52 4.95
N GLU A 8 -9.70 -1.48 5.74
CA GLU A 8 -11.13 -1.72 5.88
C GLU A 8 -11.80 -0.58 6.62
N LYS A 9 -10.99 0.39 7.05
CA LYS A 9 -11.50 1.61 7.66
C LYS A 9 -12.11 2.52 6.59
N GLY A 10 -11.82 2.23 5.33
CA GLY A 10 -12.36 3.02 4.24
C GLY A 10 -11.39 4.11 3.80
N HIS A 11 -10.25 4.15 4.45
CA HIS A 11 -9.25 5.17 4.17
C HIS A 11 -8.07 4.60 3.39
N ARG A 12 -7.80 5.19 2.23
CA ARG A 12 -6.66 4.78 1.40
C ARG A 12 -5.50 5.74 1.64
N PHE A 13 -4.29 5.28 1.40
CA PHE A 13 -3.11 6.11 1.58
C PHE A 13 -1.94 5.62 0.72
N GLU A 14 -1.03 6.53 0.43
CA GLU A 14 0.13 6.23 -0.39
C GLU A 14 1.37 6.17 0.49
N MET A 15 2.29 5.28 0.18
CA MET A 15 3.53 5.17 0.94
C MET A 15 4.73 4.99 0.02
N PRO A 16 5.90 5.49 0.45
CA PRO A 16 7.13 5.38 -0.34
C PRO A 16 7.82 4.04 -0.14
N PHE A 17 8.09 3.35 -1.24
CA PHE A 17 8.78 2.07 -1.23
C PHE A 17 9.74 1.98 -2.40
N SER A 18 10.38 0.84 -2.52
CA SER A 18 11.29 0.59 -3.63
C SER A 18 10.53 0.00 -4.81
N VAL A 19 10.89 0.43 -6.01
CA VAL A 19 10.23 -0.03 -7.23
C VAL A 19 10.76 -1.41 -7.61
N GLU A 20 11.77 -1.85 -6.89
CA GLU A 20 12.36 -3.17 -7.09
C GLU A 20 12.00 -4.12 -5.95
N ALA A 21 11.11 -3.68 -5.08
CA ALA A 21 10.76 -4.45 -3.90
C ALA A 21 9.40 -5.12 -4.08
N GLU A 22 9.27 -6.33 -3.57
CA GLU A 22 7.99 -7.01 -3.56
C GLU A 22 7.07 -6.35 -2.55
N ILE A 23 6.28 -5.39 -3.02
CA ILE A 23 5.40 -4.61 -2.17
C ILE A 23 4.42 -5.52 -1.43
N PRO A 24 4.51 -5.56 -0.09
CA PRO A 24 3.68 -6.44 0.75
C PRO A 24 2.19 -6.24 0.50
N PRO A 25 1.43 -7.35 0.36
CA PRO A 25 -0.03 -7.32 0.10
C PRO A 25 -0.83 -6.74 1.28
N GLU A 26 -0.13 -6.47 2.37
CA GLU A 26 -0.74 -5.94 3.58
C GLU A 26 0.28 -5.13 4.35
N TRP A 27 -0.13 -3.97 4.85
CA TRP A 27 0.78 -3.13 5.60
C TRP A 27 0.03 -2.36 6.68
N GLU A 28 0.77 -1.88 7.67
CA GLU A 28 0.21 -1.12 8.77
C GLU A 28 -0.29 0.25 8.30
N CYS A 29 -1.48 0.61 8.74
CA CYS A 29 -2.11 1.86 8.36
C CYS A 29 -1.63 3.00 9.25
N LYS A 30 -0.88 3.92 8.67
CA LYS A 30 -0.40 5.10 9.39
C LYS A 30 -1.53 6.11 9.57
N VAL A 31 -2.61 5.92 8.83
CA VAL A 31 -3.70 6.90 8.81
C VAL A 31 -4.58 6.77 10.05
N CYS A 32 -5.17 5.61 10.26
CA CYS A 32 -6.13 5.46 11.34
C CYS A 32 -5.61 4.54 12.44
N GLY A 33 -5.06 3.39 12.06
CA GLY A 33 -4.47 2.51 13.05
C GLY A 33 -4.92 1.07 12.88
N ALA A 34 -4.68 0.51 11.71
CA ALA A 34 -5.14 -0.84 11.42
C ALA A 34 -4.21 -1.50 10.41
N GLN A 35 -4.57 -2.69 9.95
CA GLN A 35 -3.81 -3.36 8.91
C GLN A 35 -4.47 -3.13 7.56
N ALA A 36 -3.86 -2.27 6.76
CA ALA A 36 -4.39 -1.93 5.45
C ALA A 36 -3.96 -2.95 4.42
N LEU A 37 -4.86 -3.25 3.49
CA LEU A 37 -4.54 -4.16 2.42
C LEU A 37 -3.98 -3.39 1.23
N LEU A 38 -2.92 -3.95 0.65
CA LEU A 38 -2.26 -3.36 -0.49
C LEU A 38 -3.17 -3.39 -1.71
N VAL A 39 -3.31 -2.26 -2.37
CA VAL A 39 -4.16 -2.17 -3.55
C VAL A 39 -3.34 -1.78 -4.78
N ASP A 40 -3.24 -2.71 -5.72
CA ASP A 40 -2.48 -2.53 -6.96
C ASP A 40 -0.99 -2.32 -6.68
N GLY A 41 -0.33 -3.40 -6.31
CA GLY A 41 1.09 -3.36 -6.02
C GLY A 41 1.72 -4.73 -6.14
N ASP A 42 2.01 -5.36 -5.00
CA ASP A 42 2.60 -6.71 -4.93
C ASP A 42 4.06 -6.70 -5.36
N GLY A 43 4.37 -5.97 -6.41
CA GLY A 43 5.73 -5.87 -6.88
C GLY A 43 6.04 -4.46 -7.37
N PRO A 44 5.42 -4.02 -8.47
CA PRO A 44 5.59 -2.66 -8.98
C PRO A 44 4.85 -1.62 -8.13
N GLU A 45 5.35 -0.40 -8.12
CA GLU A 45 4.70 0.69 -7.43
C GLU A 45 4.19 1.72 -8.43
N GLU A 46 2.87 1.89 -8.45
CA GLU A 46 2.20 2.78 -9.40
C GLU A 46 2.44 2.29 -10.82
N LYS A 47 1.64 1.32 -11.23
CA LYS A 47 1.77 0.73 -12.56
C LYS A 47 0.41 0.29 -13.09
N LYS A 48 -0.51 0.00 -12.18
CA LYS A 48 -1.84 -0.43 -12.56
C LYS A 48 -2.85 0.69 -12.29
#